data_1C3P
#
_entry.id   1C3P
#
_cell.length_a   51.400
_cell.length_b   93.800
_cell.length_c   78.700
_cell.angle_alpha   90.00
_cell.angle_beta   96.90
_cell.angle_gamma   90.00
#
_symmetry.space_group_name_H-M   'C 1 2 1'
#
loop_
_entity.id
_entity.type
_entity.pdbx_description
1 polymer 'PROTEIN (HDLP (HISTONE DEACETYLASE-LIKE PROTEIN))'
2 water water
#
_entity_poly.entity_id   1
_entity_poly.type   'polypeptide(L)'
_entity_poly.pdbx_seq_one_letter_code
;MKKVKLIGTLDYGKYRYPKNHPLKIPRVSLLLRFKDAMNLIDEKELIKSRPATKEELLLFHTEDYINTLMEAERCQCVPK
GAREKYNIGGYENPVSYAMFTGSSLATGSTVQAIEEFLKGNVAFNPAGGMHHAFKSRANGFCYINNPAVGIEYLRKKGFK
RILYIDLDAHHCDGVQEAFYDTDQVFVLSLHQSPEYAFPFEKGFLEEIGEGKGKGYNLNIPLPKGLNDNEFLFALEKSLE
IVKEVFEPEVYLLQLGTDPLLEDYLSKFNLSNVAFLKAFNIVREVFGEGVYLGGGGYHPYALARAWTLIWCELSGREVPE
KLNNKAKELLKSIDFEEFDDEVDRSYMLETLKDPWRGGEVRKEVKDTLEKAKASS
;
_entity_poly.pdbx_strand_id   A
#
# COMPACT_ATOMS: atom_id res chain seq x y z
N LYS A 2 24.28 -4.49 6.79
CA LYS A 2 22.82 -4.47 6.53
C LYS A 2 22.56 -4.43 5.03
N LYS A 3 21.94 -5.48 4.50
CA LYS A 3 21.64 -5.54 3.06
C LYS A 3 20.24 -4.96 2.82
N VAL A 4 20.02 -4.47 1.60
CA VAL A 4 18.73 -3.89 1.21
C VAL A 4 18.17 -4.83 0.18
N LYS A 5 16.94 -5.27 0.40
CA LYS A 5 16.32 -6.24 -0.49
C LYS A 5 14.97 -5.82 -1.05
N LEU A 6 14.68 -6.29 -2.26
CA LEU A 6 13.40 -6.04 -2.89
C LEU A 6 12.76 -7.42 -3.06
N ILE A 7 11.55 -7.62 -2.56
CA ILE A 7 10.89 -8.92 -2.68
C ILE A 7 9.95 -8.86 -3.89
N GLY A 8 10.15 -9.74 -4.85
CA GLY A 8 9.28 -9.74 -6.01
C GLY A 8 9.51 -10.88 -6.98
N THR A 9 8.71 -10.89 -8.04
CA THR A 9 8.80 -11.89 -9.09
C THR A 9 8.00 -11.39 -10.29
N LEU A 10 8.41 -11.80 -11.49
CA LEU A 10 7.68 -11.37 -12.68
C LEU A 10 6.36 -12.15 -12.82
N ASP A 11 6.20 -13.19 -12.00
CA ASP A 11 4.99 -14.02 -12.04
C ASP A 11 3.70 -13.26 -11.73
N TYR A 12 3.79 -12.16 -10.99
CA TYR A 12 2.59 -11.39 -10.68
C TYR A 12 1.91 -11.00 -12.00
N GLY A 13 2.71 -10.88 -13.06
CA GLY A 13 2.19 -10.51 -14.37
C GLY A 13 1.14 -11.44 -14.93
N LYS A 14 1.11 -12.68 -14.44
CA LYS A 14 0.14 -13.68 -14.90
C LYS A 14 -1.12 -13.78 -14.03
N TYR A 15 -1.20 -12.96 -12.98
CA TYR A 15 -2.36 -12.96 -12.08
C TYR A 15 -2.93 -11.55 -12.02
N ARG A 16 -3.27 -11.00 -13.19
CA ARG A 16 -3.82 -9.66 -13.31
C ARG A 16 -5.33 -9.71 -13.08
N TYR A 17 -5.91 -8.60 -12.67
CA TYR A 17 -7.35 -8.56 -12.49
C TYR A 17 -7.97 -8.51 -13.88
N PRO A 18 -9.26 -8.83 -13.98
CA PRO A 18 -9.88 -8.81 -15.29
C PRO A 18 -10.12 -7.46 -15.94
N LYS A 19 -10.54 -7.56 -17.20
CA LYS A 19 -10.95 -6.47 -18.05
C LYS A 19 -10.88 -5.05 -17.50
N ASN A 20 -12.09 -4.54 -17.27
CA ASN A 20 -12.45 -3.23 -16.75
C ASN A 20 -11.75 -2.81 -15.45
N HIS A 21 -11.37 -3.80 -14.65
CA HIS A 21 -10.75 -3.57 -13.35
C HIS A 21 -9.50 -2.69 -13.32
N PRO A 22 -9.42 -1.75 -12.36
CA PRO A 22 -8.25 -0.86 -12.26
C PRO A 22 -6.92 -1.61 -12.06
N LEU A 23 -6.97 -2.83 -11.54
CA LEU A 23 -5.75 -3.62 -11.31
C LEU A 23 -5.41 -4.55 -12.48
N LYS A 24 -6.00 -4.26 -13.64
CA LYS A 24 -5.75 -4.99 -14.88
C LYS A 24 -4.27 -4.76 -15.28
N ILE A 25 -3.76 -3.56 -15.02
CA ILE A 25 -2.38 -3.24 -15.38
C ILE A 25 -1.31 -4.00 -14.59
N PRO A 26 -0.11 -4.14 -15.18
CA PRO A 26 1.03 -4.82 -14.56
C PRO A 26 1.47 -3.84 -13.48
N ARG A 27 2.03 -4.34 -12.36
CA ARG A 27 2.44 -3.43 -11.29
C ARG A 27 3.78 -3.79 -10.66
N VAL A 28 3.84 -4.86 -9.89
CA VAL A 28 5.14 -5.22 -9.33
C VAL A 28 6.03 -5.77 -10.46
N SER A 29 5.43 -6.50 -11.40
CA SER A 29 6.23 -7.04 -12.51
C SER A 29 6.71 -5.86 -13.33
N LEU A 30 5.89 -4.83 -13.42
CA LEU A 30 6.30 -3.67 -14.19
C LEU A 30 7.44 -2.95 -13.46
N LEU A 31 7.37 -2.89 -12.13
CA LEU A 31 8.41 -2.23 -11.35
C LEU A 31 9.73 -2.96 -11.58
N LEU A 32 9.69 -4.28 -11.50
CA LEU A 32 10.90 -5.07 -11.70
C LEU A 32 11.50 -4.83 -13.08
N ARG A 33 10.66 -4.87 -14.11
CA ARG A 33 11.16 -4.66 -15.47
C ARG A 33 11.67 -3.23 -15.63
N PHE A 34 11.03 -2.29 -14.94
CA PHE A 34 11.43 -0.90 -15.02
C PHE A 34 12.77 -0.67 -14.33
N LYS A 35 12.95 -1.18 -13.10
CA LYS A 35 14.23 -0.94 -12.48
C LYS A 35 15.35 -1.63 -13.23
N ASP A 36 15.05 -2.73 -13.89
CA ASP A 36 16.06 -3.44 -14.66
C ASP A 36 16.41 -2.60 -15.88
N ALA A 37 15.39 -2.12 -16.58
CA ALA A 37 15.61 -1.29 -17.77
C ALA A 37 16.45 -0.06 -17.42
N MET A 38 16.26 0.49 -16.22
CA MET A 38 16.99 1.68 -15.73
C MET A 38 18.34 1.32 -15.09
N ASN A 39 18.63 0.02 -15.03
CA ASN A 39 19.85 -0.52 -14.43
C ASN A 39 19.96 -0.06 -12.99
N LEU A 40 18.84 -0.11 -12.28
CA LEU A 40 18.82 0.31 -10.88
C LEU A 40 18.66 -0.83 -9.88
N ILE A 41 18.86 -2.06 -10.36
CA ILE A 41 18.76 -3.21 -9.47
C ILE A 41 19.65 -4.38 -9.93
N ASP A 42 20.25 -5.07 -8.96
CA ASP A 42 21.10 -6.22 -9.27
C ASP A 42 20.46 -7.49 -8.71
N GLU A 43 20.73 -8.63 -9.35
CA GLU A 43 20.16 -9.91 -8.93
C GLU A 43 20.26 -10.25 -7.45
N LYS A 44 21.39 -9.95 -6.84
CA LYS A 44 21.56 -10.28 -5.45
C LYS A 44 20.76 -9.43 -4.46
N GLU A 45 20.06 -8.43 -4.98
CA GLU A 45 19.23 -7.54 -4.15
C GLU A 45 17.78 -8.04 -4.20
N LEU A 46 17.50 -8.92 -5.15
CA LEU A 46 16.15 -9.44 -5.33
C LEU A 46 15.88 -10.78 -4.66
N ILE A 47 14.80 -10.85 -3.89
CA ILE A 47 14.41 -12.11 -3.26
C ILE A 47 13.15 -12.54 -3.98
N LYS A 48 13.12 -13.78 -4.48
CA LYS A 48 11.93 -14.26 -5.20
C LYS A 48 10.78 -14.48 -4.22
N SER A 49 9.63 -13.93 -4.54
CA SER A 49 8.44 -14.09 -3.71
C SER A 49 8.02 -15.55 -3.58
N ARG A 50 7.53 -15.91 -2.39
CA ARG A 50 7.04 -17.24 -2.13
C ARG A 50 5.60 -17.11 -1.64
N PRO A 51 4.78 -18.15 -1.85
CA PRO A 51 3.40 -18.10 -1.38
C PRO A 51 3.35 -18.10 0.15
N ALA A 52 2.34 -17.46 0.73
CA ALA A 52 2.13 -17.51 2.17
C ALA A 52 1.65 -18.94 2.43
N THR A 53 2.04 -19.55 3.55
CA THR A 53 1.59 -20.91 3.84
C THR A 53 0.20 -20.79 4.43
N LYS A 54 -0.54 -21.91 4.47
CA LYS A 54 -1.89 -21.89 5.04
C LYS A 54 -1.81 -21.38 6.47
N GLU A 55 -0.78 -21.82 7.19
CA GLU A 55 -0.59 -21.42 8.57
C GLU A 55 -0.40 -19.91 8.70
N GLU A 56 0.41 -19.33 7.81
CA GLU A 56 0.62 -17.89 7.86
C GLU A 56 -0.70 -17.16 7.54
N LEU A 57 -1.46 -17.68 6.58
CA LEU A 57 -2.73 -17.06 6.25
C LEU A 57 -3.70 -17.11 7.42
N LEU A 58 -3.71 -18.23 8.14
CA LEU A 58 -4.61 -18.39 9.27
C LEU A 58 -4.18 -17.62 10.51
N LEU A 59 -3.06 -16.90 10.42
CA LEU A 59 -2.67 -16.04 11.54
C LEU A 59 -3.74 -14.94 11.64
N PHE A 60 -4.40 -14.64 10.52
CA PHE A 60 -5.44 -13.62 10.51
C PHE A 60 -6.79 -14.08 9.94
N HIS A 61 -6.78 -14.63 8.73
CA HIS A 61 -8.04 -15.06 8.10
C HIS A 61 -8.59 -16.37 8.62
N THR A 62 -9.91 -16.52 8.49
CA THR A 62 -10.56 -17.76 8.94
C THR A 62 -10.50 -18.82 7.86
N GLU A 63 -10.48 -20.08 8.29
CA GLU A 63 -10.38 -21.19 7.35
C GLU A 63 -11.45 -21.28 6.29
N ASP A 64 -12.70 -21.06 6.67
CA ASP A 64 -13.80 -21.15 5.70
C ASP A 64 -13.63 -20.12 4.58
N TYR A 65 -13.19 -18.92 4.94
CA TYR A 65 -12.96 -17.85 3.95
C TYR A 65 -11.80 -18.22 3.03
N ILE A 66 -10.67 -18.63 3.60
CA ILE A 66 -9.51 -19.00 2.79
C ILE A 66 -9.88 -20.17 1.90
N ASN A 67 -10.57 -21.18 2.43
CA ASN A 67 -10.94 -22.33 1.61
C ASN A 67 -11.84 -21.92 0.45
N THR A 68 -12.68 -20.91 0.69
CA THR A 68 -13.57 -20.45 -0.35
C THR A 68 -12.78 -19.76 -1.47
N LEU A 69 -11.76 -19.00 -1.11
CA LEU A 69 -10.94 -18.35 -2.13
C LEU A 69 -10.24 -19.40 -3.00
N MET A 70 -9.75 -20.45 -2.35
CA MET A 70 -9.06 -21.51 -3.10
C MET A 70 -9.99 -22.26 -4.04
N GLU A 71 -11.19 -22.57 -3.57
CA GLU A 71 -12.16 -23.30 -4.38
C GLU A 71 -12.67 -22.42 -5.52
N ALA A 72 -13.01 -21.17 -5.21
CA ALA A 72 -13.51 -20.27 -6.25
C ALA A 72 -12.48 -20.09 -7.36
N GLU A 73 -11.22 -19.90 -7.00
CA GLU A 73 -10.20 -19.71 -8.01
C GLU A 73 -9.94 -20.91 -8.92
N ARG A 74 -9.70 -22.07 -8.33
CA ARG A 74 -9.37 -23.21 -9.17
C ARG A 74 -10.52 -23.74 -10.01
N CYS A 75 -11.74 -23.60 -9.51
CA CYS A 75 -12.91 -24.07 -10.27
C CYS A 75 -13.49 -22.92 -11.08
N GLN A 76 -12.90 -21.74 -10.91
CA GLN A 76 -13.30 -20.53 -11.61
C GLN A 76 -14.80 -20.29 -11.48
N CYS A 77 -15.27 -20.11 -10.24
CA CYS A 77 -16.69 -19.92 -10.01
C CYS A 77 -16.94 -19.15 -8.74
N VAL A 78 -18.18 -18.73 -8.57
CA VAL A 78 -18.60 -18.06 -7.35
C VAL A 78 -19.45 -19.12 -6.68
N PRO A 79 -18.91 -19.77 -5.63
CA PRO A 79 -19.65 -20.80 -4.92
C PRO A 79 -20.95 -20.24 -4.35
N LYS A 80 -21.99 -21.07 -4.35
CA LYS A 80 -23.29 -20.68 -3.83
C LYS A 80 -23.13 -20.08 -2.43
N GLY A 81 -23.73 -18.90 -2.24
CA GLY A 81 -23.67 -18.22 -0.96
C GLY A 81 -22.42 -17.36 -0.71
N ALA A 82 -21.42 -17.46 -1.57
CA ALA A 82 -20.16 -16.71 -1.36
C ALA A 82 -20.19 -15.23 -1.76
N ARG A 83 -21.07 -14.87 -2.67
CA ARG A 83 -21.15 -13.47 -3.09
C ARG A 83 -21.62 -12.69 -1.88
N GLU A 84 -22.66 -13.20 -1.25
CA GLU A 84 -23.24 -12.55 -0.07
C GLU A 84 -22.37 -12.63 1.17
N LYS A 85 -21.90 -13.82 1.47
CA LYS A 85 -21.08 -14.09 2.64
C LYS A 85 -19.63 -13.58 2.63
N TYR A 86 -18.95 -13.75 1.49
CA TYR A 86 -17.53 -13.39 1.41
C TYR A 86 -17.20 -12.23 0.50
N ASN A 87 -18.24 -11.65 -0.12
CA ASN A 87 -18.09 -10.49 -1.01
C ASN A 87 -17.24 -10.82 -2.25
N ILE A 88 -17.30 -12.09 -2.68
CA ILE A 88 -16.56 -12.54 -3.85
C ILE A 88 -17.43 -12.67 -5.09
N GLY A 89 -16.89 -12.31 -6.26
CA GLY A 89 -17.66 -12.48 -7.48
C GLY A 89 -18.14 -11.24 -8.19
N GLY A 90 -18.35 -10.14 -7.46
CA GLY A 90 -18.81 -8.90 -8.09
C GLY A 90 -17.70 -8.19 -8.85
N TYR A 91 -18.00 -7.04 -9.45
CA TYR A 91 -17.01 -6.26 -10.19
C TYR A 91 -15.79 -5.93 -9.33
N GLU A 92 -16.06 -5.61 -8.07
CA GLU A 92 -15.02 -5.23 -7.13
C GLU A 92 -13.99 -6.31 -6.79
N ASN A 93 -14.46 -7.46 -6.31
CA ASN A 93 -13.59 -8.58 -5.93
C ASN A 93 -14.01 -9.78 -6.78
N PRO A 94 -13.69 -9.74 -8.08
CA PRO A 94 -14.04 -10.77 -9.07
C PRO A 94 -13.31 -12.08 -8.91
N VAL A 95 -13.81 -13.11 -9.59
CA VAL A 95 -13.14 -14.40 -9.60
C VAL A 95 -11.97 -14.24 -10.59
N SER A 96 -10.76 -14.59 -10.18
CA SER A 96 -9.58 -14.53 -11.06
C SER A 96 -8.41 -15.23 -10.35
N TYR A 97 -7.30 -15.44 -11.04
CA TYR A 97 -6.18 -16.08 -10.36
C TYR A 97 -5.41 -15.13 -9.44
N ALA A 98 -5.86 -13.89 -9.36
CA ALA A 98 -5.21 -12.96 -8.44
C ALA A 98 -5.88 -13.19 -7.09
N MET A 99 -7.09 -13.74 -7.09
CA MET A 99 -7.83 -13.88 -5.83
C MET A 99 -7.18 -14.73 -4.78
N PHE A 100 -6.46 -15.77 -5.19
CA PHE A 100 -5.77 -16.56 -4.17
C PHE A 100 -4.29 -16.77 -4.48
N THR A 101 -3.96 -17.18 -5.70
CA THR A 101 -2.55 -17.39 -6.03
C THR A 101 -1.75 -16.09 -5.98
N GLY A 102 -2.20 -15.08 -6.70
CA GLY A 102 -1.52 -13.79 -6.70
C GLY A 102 -1.56 -13.19 -5.30
N SER A 103 -2.71 -13.23 -4.66
CA SER A 103 -2.82 -12.69 -3.30
C SER A 103 -1.91 -13.43 -2.33
N SER A 104 -1.86 -14.75 -2.44
CA SER A 104 -0.98 -15.52 -1.54
C SER A 104 0.50 -15.19 -1.78
N LEU A 105 0.84 -14.89 -3.02
CA LEU A 105 2.21 -14.57 -3.34
C LEU A 105 2.59 -13.20 -2.76
N ALA A 106 1.67 -12.25 -2.83
CA ALA A 106 1.91 -10.91 -2.29
C ALA A 106 2.04 -10.98 -0.77
N THR A 107 1.25 -11.85 -0.16
CA THR A 107 1.25 -12.00 1.30
C THR A 107 2.49 -12.74 1.80
N GLY A 108 2.89 -13.79 1.08
CA GLY A 108 4.10 -14.47 1.48
C GLY A 108 5.25 -13.48 1.39
N SER A 109 5.19 -12.56 0.41
CA SER A 109 6.24 -11.56 0.23
C SER A 109 6.32 -10.59 1.42
N THR A 110 5.19 -10.38 2.07
CA THR A 110 5.18 -9.51 3.25
C THR A 110 5.82 -10.24 4.41
N VAL A 111 5.59 -11.55 4.52
CA VAL A 111 6.22 -12.29 5.59
C VAL A 111 7.74 -12.29 5.32
N GLN A 112 8.12 -12.45 4.05
CA GLN A 112 9.53 -12.42 3.69
C GLN A 112 10.13 -11.06 4.03
N ALA A 113 9.40 -9.99 3.76
CA ALA A 113 9.92 -8.66 4.11
C ALA A 113 10.15 -8.59 5.62
N ILE A 114 9.23 -9.14 6.38
CA ILE A 114 9.41 -9.10 7.83
C ILE A 114 10.59 -9.97 8.25
N GLU A 115 10.71 -11.14 7.62
CA GLU A 115 11.84 -12.05 7.93
C GLU A 115 13.16 -11.33 7.72
N GLU A 116 13.27 -10.62 6.60
CA GLU A 116 14.48 -9.89 6.28
C GLU A 116 14.77 -8.79 7.28
N PHE A 117 13.73 -8.05 7.66
CA PHE A 117 13.90 -6.98 8.63
C PHE A 117 14.41 -7.53 9.96
N LEU A 118 13.86 -8.67 10.38
CA LEU A 118 14.23 -9.28 11.64
C LEU A 118 15.65 -9.85 11.63
N LYS A 119 16.22 -10.00 10.43
CA LYS A 119 17.60 -10.47 10.28
C LYS A 119 18.49 -9.24 10.39
N GLY A 120 17.86 -8.07 10.40
CA GLY A 120 18.62 -6.84 10.48
C GLY A 120 18.79 -6.16 9.14
N ASN A 121 18.12 -6.66 8.12
CA ASN A 121 18.25 -6.00 6.82
C ASN A 121 17.04 -5.14 6.54
N VAL A 122 17.08 -4.42 5.42
CA VAL A 122 15.99 -3.53 5.05
C VAL A 122 15.31 -4.10 3.82
N ALA A 123 13.99 -4.24 3.87
CA ALA A 123 13.31 -4.83 2.73
C ALA A 123 12.07 -4.07 2.30
N PHE A 124 11.72 -4.23 1.04
CA PHE A 124 10.55 -3.59 0.46
C PHE A 124 9.77 -4.64 -0.33
N ASN A 125 8.50 -4.80 0.01
CA ASN A 125 7.63 -5.70 -0.72
C ASN A 125 6.56 -4.85 -1.42
N PRO A 126 6.79 -4.48 -2.68
CA PRO A 126 5.83 -3.66 -3.41
C PRO A 126 4.45 -4.31 -3.64
N ALA A 127 4.39 -5.64 -3.59
CA ALA A 127 3.13 -6.34 -3.80
C ALA A 127 2.24 -6.29 -2.57
N GLY A 128 2.84 -5.96 -1.43
CA GLY A 128 2.10 -5.93 -0.17
C GLY A 128 1.23 -4.69 0.04
N GLY A 129 0.63 -4.60 1.21
CA GLY A 129 -0.22 -3.48 1.52
C GLY A 129 -1.66 -3.61 1.03
N MET A 130 -2.15 -4.84 0.88
CA MET A 130 -3.54 -5.10 0.45
C MET A 130 -4.39 -4.90 1.70
N HIS A 131 -4.53 -3.62 2.05
CA HIS A 131 -5.15 -3.21 3.30
C HIS A 131 -6.66 -3.15 3.47
N HIS A 132 -7.42 -3.56 2.46
CA HIS A 132 -8.87 -3.52 2.57
C HIS A 132 -9.55 -4.82 3.00
N ALA A 133 -8.92 -5.98 2.80
CA ALA A 133 -9.60 -7.24 3.15
C ALA A 133 -9.87 -7.43 4.64
N PHE A 134 -11.01 -8.07 4.95
CA PHE A 134 -11.42 -8.35 6.32
C PHE A 134 -11.11 -9.79 6.67
N LYS A 135 -11.18 -10.11 7.96
CA LYS A 135 -10.85 -11.46 8.41
C LYS A 135 -11.52 -12.56 7.61
N SER A 136 -12.79 -12.35 7.27
CA SER A 136 -13.55 -13.36 6.56
C SER A 136 -14.32 -12.80 5.38
N ARG A 137 -13.80 -11.76 4.73
CA ARG A 137 -14.51 -11.18 3.59
C ARG A 137 -13.64 -10.32 2.69
N ALA A 138 -13.87 -10.38 1.37
CA ALA A 138 -13.10 -9.58 0.41
C ALA A 138 -13.61 -8.13 0.43
N ASN A 139 -12.76 -7.18 0.05
CA ASN A 139 -13.17 -5.79 0.07
C ASN A 139 -12.15 -4.90 -0.61
N GLY A 140 -12.64 -3.93 -1.39
CA GLY A 140 -11.76 -2.98 -2.06
C GLY A 140 -10.67 -3.58 -2.93
N PHE A 141 -11.02 -4.61 -3.70
CA PHE A 141 -10.09 -5.28 -4.59
C PHE A 141 -9.15 -6.20 -3.83
N CYS A 142 -9.26 -6.23 -2.50
CA CYS A 142 -8.38 -7.08 -1.71
C CYS A 142 -9.07 -8.34 -1.20
N TYR A 143 -8.35 -9.47 -1.29
CA TYR A 143 -8.86 -10.76 -0.82
C TYR A 143 -8.12 -11.24 0.42
N ILE A 144 -6.84 -10.89 0.53
CA ILE A 144 -6.05 -11.29 1.69
C ILE A 144 -5.40 -10.03 2.24
N ASN A 145 -5.50 -9.81 3.54
CA ASN A 145 -4.93 -8.61 4.16
C ASN A 145 -3.49 -8.92 4.62
N ASN A 146 -2.49 -8.69 3.78
CA ASN A 146 -1.12 -9.04 4.19
C ASN A 146 -0.65 -8.17 5.36
N PRO A 147 -1.06 -6.88 5.42
CA PRO A 147 -0.59 -6.15 6.60
C PRO A 147 -1.05 -6.83 7.92
N ALA A 148 -2.30 -7.33 7.96
CA ALA A 148 -2.81 -7.97 9.18
C ALA A 148 -2.13 -9.31 9.42
N VAL A 149 -1.86 -10.06 8.36
CA VAL A 149 -1.16 -11.33 8.48
C VAL A 149 0.22 -11.00 9.05
N GLY A 150 0.85 -9.97 8.49
CA GLY A 150 2.18 -9.59 8.94
C GLY A 150 2.25 -9.14 10.40
N ILE A 151 1.28 -8.34 10.81
CA ILE A 151 1.24 -7.85 12.18
C ILE A 151 0.99 -9.01 13.14
N GLU A 152 0.12 -9.94 12.78
CA GLU A 152 -0.15 -11.08 13.64
C GLU A 152 1.08 -11.98 13.67
N TYR A 153 1.83 -11.97 12.57
CA TYR A 153 3.05 -12.76 12.52
C TYR A 153 3.99 -12.21 13.61
N LEU A 154 4.09 -10.88 13.68
CA LEU A 154 4.95 -10.25 14.66
C LEU A 154 4.43 -10.48 16.10
N ARG A 155 3.12 -10.41 16.29
CA ARG A 155 2.57 -10.65 17.63
C ARG A 155 2.95 -12.05 18.08
N LYS A 156 2.89 -13.03 17.18
CA LYS A 156 3.24 -14.39 17.57
C LYS A 156 4.72 -14.49 17.95
N LYS A 157 5.54 -13.63 17.36
CA LYS A 157 6.98 -13.59 17.65
C LYS A 157 7.25 -12.90 19.00
N GLY A 158 6.22 -12.32 19.60
CA GLY A 158 6.39 -11.66 20.89
C GLY A 158 6.38 -10.15 20.90
N PHE A 159 6.19 -9.53 19.75
CA PHE A 159 6.14 -8.08 19.75
C PHE A 159 4.82 -7.63 20.38
N LYS A 160 4.89 -6.64 21.26
CA LYS A 160 3.70 -6.13 21.95
C LYS A 160 3.33 -4.69 21.65
N ARG A 161 4.15 -4.03 20.83
CA ARG A 161 3.88 -2.64 20.45
C ARG A 161 4.24 -2.50 18.98
N ILE A 162 3.26 -2.71 18.12
CA ILE A 162 3.50 -2.64 16.68
C ILE A 162 2.74 -1.48 16.07
N LEU A 163 3.42 -0.67 15.27
CA LEU A 163 2.77 0.49 14.66
C LEU A 163 2.64 0.24 13.18
N TYR A 164 1.48 0.55 12.62
CA TYR A 164 1.26 0.41 11.18
C TYR A 164 0.89 1.80 10.67
N ILE A 165 1.58 2.27 9.62
CA ILE A 165 1.32 3.58 9.06
C ILE A 165 0.92 3.37 7.60
N ASP A 166 -0.22 3.92 7.22
CA ASP A 166 -0.77 3.73 5.88
C ASP A 166 -0.86 5.04 5.10
N LEU A 167 0.04 5.21 4.13
CA LEU A 167 0.04 6.44 3.34
C LEU A 167 -0.73 6.40 2.04
N ASP A 168 -1.38 5.26 1.80
CA ASP A 168 -2.22 5.08 0.60
C ASP A 168 -3.34 6.13 0.70
N ALA A 169 -3.82 6.60 -0.46
CA ALA A 169 -4.88 7.62 -0.51
C ALA A 169 -6.24 7.12 -0.07
N HIS A 170 -6.34 5.84 0.28
CA HIS A 170 -7.60 5.28 0.76
C HIS A 170 -7.36 4.67 2.14
N HIS A 171 -8.39 4.71 2.97
CA HIS A 171 -8.33 4.18 4.34
C HIS A 171 -8.14 2.65 4.42
N CYS A 172 -7.26 2.20 5.30
CA CYS A 172 -7.01 0.78 5.52
C CYS A 172 -8.13 0.24 6.44
N ASP A 173 -9.35 0.20 5.93
CA ASP A 173 -10.46 -0.25 6.76
C ASP A 173 -10.31 -1.68 7.27
N GLY A 174 -9.73 -2.54 6.43
CA GLY A 174 -9.47 -3.91 6.82
C GLY A 174 -8.52 -3.95 8.01
N VAL A 175 -7.39 -3.22 7.92
CA VAL A 175 -6.43 -3.20 9.03
C VAL A 175 -7.05 -2.54 10.29
N GLN A 176 -7.83 -1.49 10.10
CA GLN A 176 -8.47 -0.84 11.25
C GLN A 176 -9.32 -1.82 12.04
N GLU A 177 -10.19 -2.53 11.35
CA GLU A 177 -11.06 -3.49 12.02
C GLU A 177 -10.27 -4.56 12.74
N ALA A 178 -9.22 -5.04 12.06
CA ALA A 178 -8.38 -6.10 12.61
C ALA A 178 -7.74 -5.81 13.98
N PHE A 179 -7.40 -4.55 14.22
CA PHE A 179 -6.75 -4.19 15.47
C PHE A 179 -7.45 -3.11 16.26
N TYR A 180 -8.71 -2.90 15.92
CA TYR A 180 -9.51 -1.86 16.55
C TYR A 180 -9.64 -2.05 18.06
N ASP A 181 -9.68 -3.31 18.45
CA ASP A 181 -9.84 -3.76 19.84
C ASP A 181 -8.59 -3.89 20.74
N THR A 182 -7.41 -3.71 20.17
CA THR A 182 -6.21 -3.88 20.98
C THR A 182 -5.30 -2.68 21.10
N ASP A 183 -4.57 -2.61 22.21
CA ASP A 183 -3.63 -1.53 22.44
C ASP A 183 -2.21 -2.00 22.09
N GLN A 184 -2.10 -3.21 21.55
CA GLN A 184 -0.80 -3.74 21.18
C GLN A 184 -0.43 -3.30 19.77
N VAL A 185 -1.44 -2.88 19.02
CA VAL A 185 -1.20 -2.40 17.67
C VAL A 185 -1.79 -1.02 17.56
N PHE A 186 -1.08 -0.12 16.89
CA PHE A 186 -1.54 1.24 16.70
C PHE A 186 -1.56 1.43 15.19
N VAL A 187 -2.70 1.89 14.66
CA VAL A 187 -2.82 2.10 13.22
C VAL A 187 -3.02 3.57 12.93
N LEU A 188 -2.21 4.10 12.03
CA LEU A 188 -2.33 5.48 11.60
C LEU A 188 -2.56 5.48 10.10
N SER A 189 -3.61 6.14 9.67
CA SER A 189 -3.84 6.21 8.23
C SER A 189 -4.15 7.61 7.77
N LEU A 190 -3.50 8.08 6.72
CA LEU A 190 -3.86 9.37 6.16
C LEU A 190 -4.57 8.90 4.89
N HIS A 191 -5.65 9.57 4.49
CA HIS A 191 -6.40 9.13 3.32
C HIS A 191 -7.45 10.14 2.90
N GLN A 192 -7.99 9.97 1.70
CA GLN A 192 -9.06 10.86 1.21
C GLN A 192 -10.22 10.63 2.18
N SER A 193 -10.92 11.69 2.54
CA SER A 193 -12.04 11.52 3.44
C SER A 193 -13.13 10.58 2.88
N PRO A 194 -13.71 9.73 3.74
CA PRO A 194 -14.76 8.77 3.36
C PRO A 194 -16.02 9.57 3.00
N GLU A 195 -16.03 10.86 3.30
CA GLU A 195 -17.19 11.67 2.93
C GLU A 195 -17.26 11.71 1.40
N TYR A 196 -16.12 11.49 0.72
CA TYR A 196 -16.16 11.49 -0.74
C TYR A 196 -15.45 10.33 -1.42
N ALA A 197 -14.75 9.49 -0.67
CA ALA A 197 -14.05 8.37 -1.30
C ALA A 197 -14.19 7.03 -0.58
N PHE A 198 -14.01 5.95 -1.35
CA PHE A 198 -14.07 4.60 -0.81
C PHE A 198 -13.14 4.61 0.38
N PRO A 199 -13.46 3.86 1.44
CA PRO A 199 -14.64 2.99 1.60
C PRO A 199 -15.98 3.64 1.95
N PHE A 200 -15.99 4.97 2.08
CA PHE A 200 -17.22 5.73 2.41
C PHE A 200 -17.83 5.43 3.78
N GLU A 201 -17.78 4.16 4.19
CA GLU A 201 -18.35 3.68 5.45
C GLU A 201 -17.44 3.80 6.68
N LYS A 202 -16.14 3.94 6.46
CA LYS A 202 -15.16 4.01 7.54
C LYS A 202 -14.04 4.95 7.14
N GLY A 203 -13.20 5.34 8.09
CA GLY A 203 -12.13 6.26 7.76
C GLY A 203 -12.30 7.64 8.39
N PHE A 204 -13.37 7.83 9.15
CA PHE A 204 -13.61 9.13 9.79
C PHE A 204 -12.71 9.34 11.02
N LEU A 205 -12.42 10.61 11.26
CA LEU A 205 -11.56 11.03 12.37
C LEU A 205 -11.99 10.56 13.74
N GLU A 206 -13.29 10.38 13.96
CA GLU A 206 -13.78 9.97 15.28
C GLU A 206 -13.61 8.49 15.58
N GLU A 207 -13.14 7.71 14.60
CA GLU A 207 -12.93 6.28 14.82
C GLU A 207 -11.55 6.13 15.46
N ILE A 208 -11.51 6.05 16.79
CA ILE A 208 -10.24 5.94 17.49
C ILE A 208 -10.05 4.62 18.22
N GLY A 209 -10.85 3.62 17.88
CA GLY A 209 -10.68 2.35 18.56
C GLY A 209 -11.82 2.05 19.49
N GLU A 210 -11.69 0.92 20.20
CA GLU A 210 -12.73 0.43 21.09
C GLU A 210 -12.08 -0.38 22.21
N GLY A 211 -12.69 -0.33 23.39
CA GLY A 211 -12.15 -1.08 24.52
C GLY A 211 -10.71 -0.75 24.82
N LYS A 212 -9.88 -1.76 25.03
CA LYS A 212 -8.47 -1.55 25.32
C LYS A 212 -7.79 -0.75 24.21
N GLY A 213 -8.30 -0.92 22.99
CA GLY A 213 -7.72 -0.21 21.85
C GLY A 213 -8.23 1.19 21.59
N LYS A 214 -9.10 1.71 22.45
CA LYS A 214 -9.61 3.06 22.23
C LYS A 214 -8.41 4.00 22.43
N GLY A 215 -8.10 4.78 21.41
CA GLY A 215 -6.96 5.67 21.47
C GLY A 215 -5.77 5.14 20.66
N TYR A 216 -5.93 3.96 20.09
CA TYR A 216 -4.84 3.36 19.31
C TYR A 216 -5.13 3.20 17.82
N ASN A 217 -6.04 4.02 17.31
CA ASN A 217 -6.36 4.03 15.90
C ASN A 217 -6.50 5.51 15.59
N LEU A 218 -5.86 5.96 14.53
CA LEU A 218 -5.93 7.39 14.21
C LEU A 218 -6.10 7.55 12.72
N ASN A 219 -7.25 8.08 12.31
CA ASN A 219 -7.53 8.35 10.90
C ASN A 219 -7.38 9.84 10.65
N ILE A 220 -6.70 10.20 9.57
CA ILE A 220 -6.51 11.61 9.22
C ILE A 220 -7.18 11.77 7.84
N PRO A 221 -8.48 12.11 7.82
CA PRO A 221 -9.19 12.26 6.54
C PRO A 221 -8.79 13.58 5.92
N LEU A 222 -8.46 13.57 4.62
CA LEU A 222 -8.02 14.77 3.92
C LEU A 222 -8.90 15.13 2.73
N PRO A 223 -8.98 16.42 2.39
CA PRO A 223 -9.80 16.95 1.29
C PRO A 223 -9.33 16.76 -0.14
N LYS A 224 -10.27 17.00 -1.06
CA LYS A 224 -9.98 16.93 -2.48
C LYS A 224 -8.97 18.01 -2.87
N GLY A 225 -8.19 17.75 -3.91
CA GLY A 225 -7.22 18.72 -4.38
C GLY A 225 -6.02 18.89 -3.46
N LEU A 226 -5.78 17.93 -2.58
CA LEU A 226 -4.68 18.00 -1.62
C LEU A 226 -3.33 18.28 -2.31
N ASN A 227 -2.56 19.23 -1.79
CA ASN A 227 -1.26 19.52 -2.39
C ASN A 227 -0.15 18.96 -1.51
N ASP A 228 1.09 19.06 -1.98
CA ASP A 228 2.22 18.51 -1.25
C ASP A 228 2.43 19.03 0.15
N ASN A 229 2.27 20.34 0.34
CA ASN A 229 2.45 20.94 1.64
C ASN A 229 1.40 20.45 2.62
N GLU A 230 0.18 20.28 2.13
CA GLU A 230 -0.89 19.80 3.00
C GLU A 230 -0.66 18.35 3.41
N PHE A 231 -0.23 17.52 2.48
CA PHE A 231 0.03 16.11 2.81
C PHE A 231 1.14 16.02 3.86
N LEU A 232 2.28 16.65 3.61
CA LEU A 232 3.40 16.59 4.55
C LEU A 232 3.09 17.23 5.89
N PHE A 233 2.32 18.32 5.89
CA PHE A 233 1.92 18.96 7.13
C PHE A 233 1.15 17.94 7.97
N ALA A 234 0.16 17.31 7.33
CA ALA A 234 -0.67 16.32 8.00
C ALA A 234 0.16 15.15 8.53
N LEU A 235 1.11 14.71 7.73
CA LEU A 235 1.96 13.60 8.11
C LEU A 235 2.80 13.92 9.35
N GLU A 236 3.52 15.05 9.31
CA GLU A 236 4.37 15.45 10.43
C GLU A 236 3.58 15.61 11.73
N LYS A 237 2.43 16.26 11.64
CA LYS A 237 1.60 16.49 12.81
C LYS A 237 1.00 15.19 13.35
N SER A 238 0.56 14.30 12.47
CA SER A 238 -0.02 13.06 12.96
C SER A 238 1.05 12.15 13.58
N LEU A 239 2.26 12.15 13.00
CA LEU A 239 3.31 11.32 13.57
C LEU A 239 3.64 11.79 14.98
N GLU A 240 3.55 13.09 15.22
CA GLU A 240 3.84 13.63 16.54
C GLU A 240 2.81 13.14 17.54
N ILE A 241 1.55 13.05 17.10
CA ILE A 241 0.47 12.57 17.94
C ILE A 241 0.73 11.12 18.33
N VAL A 242 1.14 10.31 17.35
CA VAL A 242 1.41 8.91 17.62
C VAL A 242 2.61 8.78 18.54
N LYS A 243 3.69 9.47 18.21
CA LYS A 243 4.90 9.41 19.01
C LYS A 243 4.67 9.76 20.47
N GLU A 244 3.81 10.73 20.74
CA GLU A 244 3.58 11.10 22.14
C GLU A 244 2.77 10.07 22.94
N VAL A 245 2.09 9.18 22.25
CA VAL A 245 1.27 8.17 22.89
C VAL A 245 1.72 6.73 22.69
N PHE A 246 2.55 6.49 21.68
CA PHE A 246 2.96 5.12 21.38
C PHE A 246 4.44 5.01 21.03
N GLU A 247 5.16 4.12 21.72
CA GLU A 247 6.59 3.90 21.45
C GLU A 247 6.69 2.51 20.81
N PRO A 248 6.68 2.44 19.46
CA PRO A 248 6.75 1.17 18.73
C PRO A 248 8.01 0.36 18.93
N GLU A 249 7.85 -0.97 18.96
CA GLU A 249 9.00 -1.88 19.05
C GLU A 249 9.37 -2.11 17.61
N VAL A 250 8.37 -1.96 16.74
CA VAL A 250 8.58 -2.15 15.32
C VAL A 250 7.40 -1.55 14.58
N TYR A 251 7.63 -1.09 13.34
CA TYR A 251 6.54 -0.51 12.56
C TYR A 251 6.59 -0.95 11.10
N LEU A 252 5.43 -0.94 10.45
CA LEU A 252 5.31 -1.26 9.02
C LEU A 252 4.69 -0.03 8.39
N LEU A 253 5.11 0.26 7.17
CA LEU A 253 4.67 1.44 6.41
C LEU A 253 4.19 0.99 5.05
N GLN A 254 2.99 1.41 4.65
CA GLN A 254 2.46 1.04 3.34
C GLN A 254 2.54 2.29 2.47
N LEU A 255 3.03 2.07 1.27
CA LEU A 255 3.31 3.15 0.33
C LEU A 255 2.59 3.12 -1.00
N GLY A 256 1.27 3.07 -0.99
CA GLY A 256 0.56 3.07 -2.26
C GLY A 256 0.85 4.37 -3.00
N THR A 257 0.86 4.31 -4.33
CA THR A 257 1.15 5.50 -5.13
C THR A 257 -0.11 6.23 -5.59
N ASP A 258 -1.28 5.78 -5.15
CA ASP A 258 -2.48 6.47 -5.57
C ASP A 258 -2.62 7.93 -5.13
N PRO A 259 -1.83 8.41 -4.15
CA PRO A 259 -1.98 9.83 -3.80
C PRO A 259 -1.47 10.82 -4.87
N LEU A 260 -0.75 10.31 -5.87
CA LEU A 260 -0.20 11.17 -6.93
C LEU A 260 -1.23 11.78 -7.87
N LEU A 261 -0.91 12.98 -8.33
CA LEU A 261 -1.76 13.73 -9.25
C LEU A 261 -2.23 12.90 -10.45
N GLU A 262 -1.32 12.11 -11.02
CA GLU A 262 -1.65 11.30 -12.18
C GLU A 262 -2.56 10.10 -11.95
N ASP A 263 -2.80 9.75 -10.69
CA ASP A 263 -3.67 8.61 -10.40
C ASP A 263 -5.07 9.16 -10.15
N TYR A 264 -5.97 8.75 -11.05
CA TYR A 264 -7.33 9.22 -11.01
C TYR A 264 -8.15 8.60 -9.88
N LEU A 265 -7.65 7.54 -9.27
CA LEU A 265 -8.40 6.96 -8.19
C LEU A 265 -8.31 7.76 -6.90
N SER A 266 -7.61 8.89 -6.92
CA SER A 266 -7.57 9.76 -5.75
C SER A 266 -7.77 11.19 -6.20
N LYS A 267 -8.34 12.00 -5.32
CA LYS A 267 -8.52 13.40 -5.62
C LYS A 267 -7.32 14.18 -5.07
N PHE A 268 -6.27 13.46 -4.70
CA PHE A 268 -5.04 14.07 -4.19
C PHE A 268 -4.18 14.41 -5.42
N ASN A 269 -3.46 15.52 -5.37
CA ASN A 269 -2.62 15.93 -6.49
C ASN A 269 -1.17 16.07 -6.07
N LEU A 270 -0.61 15.02 -5.47
CA LEU A 270 0.75 15.10 -5.00
C LEU A 270 1.80 14.82 -6.09
N SER A 271 3.04 15.20 -5.77
CA SER A 271 4.21 14.98 -6.63
C SER A 271 4.94 13.74 -6.09
N ASN A 272 5.74 13.08 -6.94
CA ASN A 272 6.52 11.89 -6.55
C ASN A 272 7.55 12.28 -5.51
N VAL A 273 8.02 13.53 -5.62
CA VAL A 273 9.04 14.02 -4.70
C VAL A 273 8.50 14.24 -3.30
N ALA A 274 7.23 14.63 -3.19
CA ALA A 274 6.64 14.79 -1.86
C ALA A 274 6.39 13.37 -1.31
N PHE A 275 6.07 12.44 -2.20
CA PHE A 275 5.82 11.04 -1.82
C PHE A 275 7.10 10.50 -1.19
N LEU A 276 8.22 10.82 -1.83
CA LEU A 276 9.53 10.40 -1.37
C LEU A 276 9.85 11.08 -0.03
N LYS A 277 9.58 12.38 0.10
CA LYS A 277 9.85 13.04 1.36
C LYS A 277 9.03 12.48 2.50
N ALA A 278 7.79 12.08 2.20
CA ALA A 278 6.91 11.53 3.23
C ALA A 278 7.57 10.26 3.80
N PHE A 279 8.07 9.43 2.91
CA PHE A 279 8.75 8.20 3.28
C PHE A 279 9.92 8.49 4.23
N ASN A 280 10.72 9.49 3.85
CA ASN A 280 11.87 9.84 4.66
C ASN A 280 11.52 10.50 5.98
N ILE A 281 10.40 11.21 6.01
CA ILE A 281 9.93 11.83 7.24
C ILE A 281 9.56 10.75 8.26
N VAL A 282 8.95 9.66 7.77
CA VAL A 282 8.56 8.57 8.68
C VAL A 282 9.82 7.95 9.27
N ARG A 283 10.81 7.73 8.42
CA ARG A 283 12.06 7.13 8.87
C ARG A 283 12.80 8.02 9.87
N GLU A 284 12.70 9.33 9.71
CA GLU A 284 13.38 10.23 10.64
C GLU A 284 12.71 10.20 11.99
N VAL A 285 11.41 9.93 12.01
CA VAL A 285 10.68 9.89 13.26
C VAL A 285 10.79 8.53 13.94
N PHE A 286 10.63 7.45 13.16
CA PHE A 286 10.69 6.14 13.77
C PHE A 286 11.83 5.21 13.39
N GLY A 287 12.77 5.70 12.60
CA GLY A 287 13.89 4.87 12.20
C GLY A 287 13.44 3.92 11.12
N GLU A 288 14.15 2.80 10.97
CA GLU A 288 13.82 1.82 9.95
C GLU A 288 12.66 0.91 10.34
N GLY A 289 11.85 0.57 9.33
CA GLY A 289 10.70 -0.29 9.54
C GLY A 289 10.54 -1.23 8.35
N VAL A 290 9.39 -1.90 8.28
CA VAL A 290 9.10 -2.84 7.20
C VAL A 290 8.29 -2.05 6.17
N TYR A 291 8.73 -2.06 4.91
CA TYR A 291 8.06 -1.30 3.85
C TYR A 291 7.26 -2.15 2.86
N LEU A 292 6.01 -1.73 2.65
CA LEU A 292 5.09 -2.44 1.77
C LEU A 292 4.57 -1.52 0.68
N GLY A 293 4.09 -2.12 -0.41
CA GLY A 293 3.53 -1.33 -1.49
C GLY A 293 2.10 -0.97 -1.11
N GLY A 294 1.25 -0.77 -2.11
CA GLY A 294 -0.13 -0.45 -1.83
C GLY A 294 -0.84 -0.12 -3.11
N GLY A 295 -2.02 0.48 -3.00
CA GLY A 295 -2.79 0.86 -4.17
C GLY A 295 -2.02 1.85 -5.01
N GLY A 296 -2.22 1.78 -6.31
CA GLY A 296 -1.54 2.65 -7.26
C GLY A 296 -2.09 2.09 -8.54
N TYR A 297 -2.70 2.93 -9.38
CA TYR A 297 -3.34 2.41 -10.57
C TYR A 297 -2.89 3.01 -11.91
N HIS A 298 -1.91 3.91 -11.87
CA HIS A 298 -1.37 4.52 -13.09
C HIS A 298 0.03 3.92 -13.23
N PRO A 299 0.28 3.21 -14.34
CA PRO A 299 1.59 2.57 -14.58
C PRO A 299 2.81 3.47 -14.53
N TYR A 300 2.72 4.64 -15.14
CA TYR A 300 3.86 5.55 -15.14
C TYR A 300 4.13 6.09 -13.75
N ALA A 301 3.05 6.49 -13.08
CA ALA A 301 3.13 7.08 -11.75
C ALA A 301 3.73 6.08 -10.78
N LEU A 302 3.18 4.87 -10.82
CA LEU A 302 3.62 3.78 -9.97
C LEU A 302 5.09 3.49 -10.17
N ALA A 303 5.49 3.24 -11.42
CA ALA A 303 6.88 2.90 -11.72
C ALA A 303 7.89 3.94 -11.28
N ARG A 304 7.65 5.20 -11.59
CA ARG A 304 8.63 6.22 -11.22
C ARG A 304 8.68 6.45 -9.72
N ALA A 305 7.53 6.46 -9.07
CA ALA A 305 7.48 6.72 -7.63
C ALA A 305 8.14 5.63 -6.81
N TRP A 306 7.83 4.38 -7.08
CA TRP A 306 8.46 3.32 -6.32
C TRP A 306 9.94 3.26 -6.66
N THR A 307 10.30 3.71 -7.86
CA THR A 307 11.70 3.71 -8.21
C THR A 307 12.42 4.70 -7.28
N LEU A 308 11.80 5.83 -6.99
CA LEU A 308 12.41 6.79 -6.06
C LEU A 308 12.62 6.11 -4.69
N ILE A 309 11.63 5.33 -4.27
CA ILE A 309 11.74 4.64 -2.99
C ILE A 309 12.89 3.65 -3.03
N TRP A 310 12.99 2.89 -4.13
CA TRP A 310 14.07 1.90 -4.21
C TRP A 310 15.44 2.58 -4.19
N CYS A 311 15.58 3.68 -4.94
CA CYS A 311 16.83 4.42 -4.96
C CYS A 311 17.20 4.93 -3.56
N GLU A 312 16.24 5.45 -2.80
CA GLU A 312 16.51 5.93 -1.43
C GLU A 312 17.03 4.79 -0.54
N LEU A 313 16.30 3.67 -0.54
CA LEU A 313 16.67 2.52 0.28
C LEU A 313 18.00 1.91 -0.12
N SER A 314 18.18 1.76 -1.44
CA SER A 314 19.36 1.14 -2.06
C SER A 314 20.60 2.02 -1.98
N GLY A 315 20.41 3.30 -1.69
CA GLY A 315 21.53 4.20 -1.58
C GLY A 315 22.14 4.61 -2.90
N ARG A 316 21.32 4.68 -3.94
CA ARG A 316 21.87 5.11 -5.21
C ARG A 316 21.25 6.42 -5.67
N GLU A 317 22.00 7.20 -6.43
CA GLU A 317 21.49 8.47 -6.91
C GLU A 317 20.36 8.23 -7.88
N VAL A 318 19.41 9.15 -7.88
CA VAL A 318 18.26 9.07 -8.76
C VAL A 318 18.60 9.73 -10.08
N PRO A 319 18.56 8.97 -11.19
CA PRO A 319 18.88 9.59 -12.48
C PRO A 319 17.83 10.68 -12.74
N GLU A 320 18.20 11.75 -13.42
CA GLU A 320 17.16 12.74 -13.63
C GLU A 320 16.25 12.39 -14.79
N LYS A 321 16.73 11.52 -15.67
CA LYS A 321 15.97 11.13 -16.85
C LYS A 321 15.77 9.63 -16.98
N LEU A 322 14.77 9.21 -17.75
CA LEU A 322 14.54 7.80 -18.00
C LEU A 322 15.36 7.47 -19.27
N ASN A 323 15.93 6.28 -19.36
CA ASN A 323 16.71 5.91 -20.55
C ASN A 323 15.73 5.38 -21.58
N ASN A 324 16.22 5.01 -22.77
CA ASN A 324 15.32 4.53 -23.81
C ASN A 324 14.59 3.23 -23.49
N LYS A 325 15.32 2.27 -22.94
CA LYS A 325 14.70 1.00 -22.59
C LYS A 325 13.51 1.24 -21.67
N ALA A 326 13.69 2.12 -20.69
CA ALA A 326 12.62 2.44 -19.74
C ALA A 326 11.41 3.14 -20.38
N LYS A 327 11.65 4.14 -21.22
CA LYS A 327 10.53 4.84 -21.86
C LYS A 327 9.74 3.89 -22.76
N GLU A 328 10.46 3.06 -23.53
CA GLU A 328 9.79 2.13 -24.41
C GLU A 328 8.96 1.11 -23.62
N LEU A 329 9.49 0.69 -22.48
CA LEU A 329 8.78 -0.25 -21.62
C LEU A 329 7.43 0.38 -21.23
N LEU A 330 7.49 1.58 -20.66
CA LEU A 330 6.27 2.26 -20.24
C LEU A 330 5.29 2.48 -21.37
N LYS A 331 5.81 2.87 -22.53
CA LYS A 331 4.97 3.10 -23.69
C LYS A 331 4.30 1.82 -24.19
N SER A 332 4.87 0.66 -23.85
CA SER A 332 4.31 -0.62 -24.31
C SER A 332 3.11 -1.08 -23.51
N ILE A 333 2.92 -0.48 -22.34
CA ILE A 333 1.80 -0.84 -21.48
C ILE A 333 0.50 -0.27 -22.05
N ASP A 334 -0.40 -1.13 -22.51
CA ASP A 334 -1.66 -0.60 -23.02
C ASP A 334 -2.42 -0.16 -21.77
N PHE A 335 -2.38 1.15 -21.51
CA PHE A 335 -3.04 1.70 -20.34
C PHE A 335 -4.27 2.56 -20.61
N GLU A 336 -4.17 3.46 -21.59
CA GLU A 336 -5.28 4.34 -21.91
C GLU A 336 -5.64 5.21 -20.71
N GLU A 337 -5.37 6.51 -20.85
CA GLU A 337 -5.64 7.47 -19.79
C GLU A 337 -7.16 7.62 -19.59
N PHE A 338 -7.59 7.74 -18.34
CA PHE A 338 -9.01 7.90 -18.04
C PHE A 338 -9.58 9.08 -18.81
N ASP A 339 -8.97 10.25 -18.63
CA ASP A 339 -9.39 11.46 -19.33
C ASP A 339 -8.87 11.33 -20.75
N ASP A 340 -9.78 11.35 -21.73
CA ASP A 340 -9.40 11.22 -23.13
C ASP A 340 -8.01 11.75 -23.45
N GLU A 341 -7.72 12.98 -23.03
CA GLU A 341 -6.40 13.53 -23.32
C GLU A 341 -5.92 14.62 -22.36
N VAL A 342 -5.09 14.21 -21.40
CA VAL A 342 -4.51 15.13 -20.43
C VAL A 342 -3.06 15.28 -20.90
N ASP A 343 -2.57 14.19 -21.49
CA ASP A 343 -1.21 14.04 -21.99
C ASP A 343 -0.26 13.88 -20.81
N ARG A 344 0.08 12.62 -20.54
CA ARG A 344 0.98 12.33 -19.44
C ARG A 344 2.36 11.96 -19.96
N SER A 345 2.59 12.16 -21.25
CA SER A 345 3.88 11.82 -21.86
C SER A 345 5.08 12.52 -21.23
N TYR A 346 4.85 13.64 -20.56
CA TYR A 346 5.92 14.38 -19.92
C TYR A 346 6.56 13.53 -18.81
N MET A 347 5.80 12.56 -18.30
CA MET A 347 6.29 11.70 -17.24
C MET A 347 7.44 10.84 -17.71
N LEU A 348 7.49 10.61 -19.03
CA LEU A 348 8.52 9.79 -19.66
C LEU A 348 9.82 10.57 -19.81
N GLU A 349 9.74 11.89 -19.63
CA GLU A 349 10.89 12.77 -19.77
C GLU A 349 11.73 13.01 -18.53
N THR A 350 11.29 12.51 -17.39
CA THR A 350 12.02 12.69 -16.15
C THR A 350 11.54 11.69 -15.12
N LEU A 351 12.40 11.35 -14.18
CA LEU A 351 12.03 10.39 -13.16
C LEU A 351 11.29 11.12 -12.03
N LYS A 352 11.81 12.26 -11.62
CA LYS A 352 11.21 13.06 -10.54
C LYS A 352 10.33 14.15 -11.11
N ASP A 353 9.12 14.34 -10.58
CA ASP A 353 8.33 15.44 -11.09
C ASP A 353 8.59 16.66 -10.21
N PRO A 354 8.23 17.86 -10.69
CA PRO A 354 8.44 19.08 -9.91
C PRO A 354 7.54 19.07 -8.69
N TRP A 355 7.90 19.82 -7.67
CA TRP A 355 7.05 19.88 -6.50
C TRP A 355 5.68 20.40 -6.91
N ARG A 356 4.66 20.04 -6.13
CA ARG A 356 3.29 20.46 -6.39
C ARG A 356 2.71 20.91 -5.05
N GLY A 357 3.26 22.00 -4.54
CA GLY A 357 2.81 22.50 -3.25
C GLY A 357 1.78 23.59 -3.31
N GLY A 358 1.62 24.29 -2.19
CA GLY A 358 0.65 25.36 -2.10
C GLY A 358 0.42 25.68 -0.64
N GLU A 359 -0.62 26.44 -0.35
CA GLU A 359 -0.92 26.79 1.03
C GLU A 359 -1.62 25.64 1.73
N VAL A 360 -1.53 25.62 3.04
CA VAL A 360 -2.22 24.58 3.78
C VAL A 360 -3.60 25.13 4.19
N ARG A 361 -4.66 24.55 3.63
CA ARG A 361 -6.03 24.99 3.94
C ARG A 361 -6.40 24.89 5.40
N LYS A 362 -7.29 25.79 5.83
CA LYS A 362 -7.76 25.80 7.21
C LYS A 362 -8.35 24.45 7.61
N GLU A 363 -9.08 23.84 6.67
CA GLU A 363 -9.70 22.52 6.90
C GLU A 363 -8.69 21.52 7.41
N VAL A 364 -7.55 21.48 6.73
CA VAL A 364 -6.51 20.54 7.11
C VAL A 364 -5.97 20.86 8.49
N LYS A 365 -5.71 22.14 8.76
CA LYS A 365 -5.21 22.52 10.07
C LYS A 365 -6.22 22.14 11.15
N ASP A 366 -7.50 22.38 10.87
CA ASP A 366 -8.52 22.03 11.85
C ASP A 366 -8.58 20.53 12.14
N THR A 367 -8.47 19.71 11.09
CA THR A 367 -8.52 18.26 11.28
C THR A 367 -7.39 17.81 12.22
N LEU A 368 -6.18 18.29 11.96
CA LEU A 368 -5.04 17.92 12.81
C LEU A 368 -5.17 18.46 14.23
N GLU A 369 -5.79 19.62 14.40
CA GLU A 369 -5.97 20.15 15.75
C GLU A 369 -6.99 19.27 16.51
N LYS A 370 -8.05 18.84 15.83
CA LYS A 370 -9.04 18.00 16.49
C LYS A 370 -8.44 16.62 16.77
N ALA A 371 -7.60 16.15 15.85
CA ALA A 371 -6.94 14.85 16.00
C ALA A 371 -6.06 14.84 17.24
N LYS A 372 -5.37 15.95 17.50
CA LYS A 372 -4.48 16.06 18.66
C LYS A 372 -5.26 15.97 19.97
N ALA A 373 -6.27 16.83 20.10
CA ALA A 373 -7.08 16.82 21.31
C ALA A 373 -7.69 15.43 21.48
#